data_7PG1
#
_entry.id   7PG1
#
_cell.length_a   42.517
_cell.length_b   42.517
_cell.length_c   215.518
_cell.angle_alpha   90.000
_cell.angle_beta   90.000
_cell.angle_gamma   90.000
#
_symmetry.space_group_name_H-M   'P 43 2 2'
#
loop_
_entity.id
_entity.type
_entity.pdbx_description
1 polymer 'Serine protease subunit NS2B'
2 polymer 'Serine protease NS3'
3 polymer 'Inhibitor MI-2221'
4 water water
#
loop_
_entity_poly.entity_id
_entity_poly.type
_entity_poly.pdbx_seq_one_letter_code
_entity_poly.pdbx_strand_id
1 'polypeptide(L)' MTGKSVDMYIERAGDITWEKDAEVTGNSPRLDVALDESGDFSLVEEDGPPMRE A
2 'polypeptide(L)'
;GSGALWDVPAPKEVKKGETTDGVYRVMTRRLLGSTQVGVGVMQEGVFHTMWHVTKGAALRSGEGRLDPYWGDVKQDLVSY
CGPWKLDAAWDGLSEVQLLAVPPGERAKNIQTLPGIFKTKDGDIGAVALDYPAGTSGSPILDKCGRVIGLYGNGVVIKNG
SYVSAITQGKREEETPVE
;
B
3 'polypeptide(L)' (V7T)G(BAL)GKK D
#
loop_
_chem_comp.id
_chem_comp.type
_chem_comp.name
_chem_comp.formula
BAL peptide-like BETA-ALANINE 'C3 H7 N O2'
V7T peptide-like '(2R)-6-azanyl-2-carbamimidamido-hexanoic acid' 'C7 H16 N4 O2'
#
# COMPACT_ATOMS: atom_id res chain seq x y z
N VAL A 6 -11.41 10.64 -15.13
CA VAL A 6 -10.84 10.91 -16.44
C VAL A 6 -9.37 10.53 -16.49
N ASP A 7 -8.59 11.23 -15.64
CA ASP A 7 -7.14 11.30 -15.81
C ASP A 7 -6.47 9.95 -15.51
N MET A 8 -6.73 9.38 -14.33
CA MET A 8 -6.07 8.15 -13.90
C MET A 8 -6.85 6.91 -14.31
N TYR A 9 -6.10 5.83 -14.57
CA TYR A 9 -6.70 4.57 -14.99
C TYR A 9 -5.96 3.43 -14.30
N ILE A 10 -6.62 2.28 -14.17
CA ILE A 10 -6.00 1.14 -13.53
C ILE A 10 -5.82 0.00 -14.53
N GLU A 11 -4.76 -0.78 -14.31
CA GLU A 11 -4.38 -1.90 -15.16
C GLU A 11 -4.06 -3.08 -14.27
N ARG A 12 -4.66 -4.24 -14.54
CA ARG A 12 -4.41 -5.40 -13.70
C ARG A 12 -2.96 -5.83 -13.80
N ALA A 13 -2.40 -6.26 -12.66
CA ALA A 13 -1.00 -6.67 -12.63
C ALA A 13 -0.78 -8.04 -12.01
N GLY A 14 -1.82 -8.68 -11.49
CA GLY A 14 -1.59 -10.00 -10.95
C GLY A 14 -2.66 -10.43 -9.97
N ASP A 15 -2.58 -11.71 -9.63
CA ASP A 15 -3.31 -12.29 -8.52
C ASP A 15 -2.64 -11.87 -7.23
N ILE A 16 -3.40 -11.90 -6.15
CA ILE A 16 -2.87 -11.65 -4.81
C ILE A 16 -2.73 -13.01 -4.16
N THR A 17 -1.50 -13.50 -4.08
CA THR A 17 -1.21 -14.84 -3.62
C THR A 17 0.15 -14.84 -2.93
N TRP A 18 0.24 -15.67 -1.89
CA TRP A 18 1.50 -15.95 -1.22
C TRP A 18 2.36 -16.82 -2.13
N GLU A 19 3.65 -16.48 -2.24
CA GLU A 19 4.59 -17.25 -3.05
C GLU A 19 5.49 -18.11 -2.17
N LYS A 20 5.43 -19.43 -2.37
CA LYS A 20 6.24 -20.35 -1.58
C LYS A 20 7.70 -19.93 -1.54
N ASP A 21 8.30 -19.76 -2.71
CA ASP A 21 9.76 -19.65 -2.77
C ASP A 21 10.24 -18.22 -2.67
N ALA A 22 9.50 -17.34 -1.99
CA ALA A 22 9.73 -15.92 -2.12
C ALA A 22 11.07 -15.53 -1.53
N GLU A 23 11.72 -14.58 -2.20
CA GLU A 23 12.86 -13.90 -1.60
C GLU A 23 12.49 -13.38 -0.22
N VAL A 24 13.40 -13.54 0.74
CA VAL A 24 13.18 -13.09 2.11
C VAL A 24 14.23 -12.04 2.45
N THR A 25 13.78 -10.90 2.99
CA THR A 25 14.73 -9.82 3.26
C THR A 25 14.06 -8.72 4.09
N GLY A 26 14.85 -7.73 4.45
CA GLY A 26 14.42 -6.62 5.30
C GLY A 26 14.53 -6.97 6.77
N ASN A 27 14.81 -5.95 7.59
CA ASN A 27 14.88 -6.11 9.03
C ASN A 27 13.54 -5.72 9.68
N SER A 28 13.53 -5.62 11.02
CA SER A 28 12.30 -5.53 11.80
C SER A 28 12.44 -4.47 12.88
N PRO A 29 12.61 -3.21 12.48
CA PRO A 29 12.87 -2.16 13.46
C PRO A 29 11.65 -1.85 14.30
N ARG A 30 11.90 -1.48 15.55
CA ARG A 30 10.86 -1.01 16.46
C ARG A 30 11.06 0.48 16.64
N LEU A 31 10.07 1.27 16.25
CA LEU A 31 10.22 2.71 16.09
C LEU A 31 9.07 3.42 16.76
N ASP A 32 9.40 4.40 17.61
CA ASP A 32 8.43 5.33 18.14
C ASP A 32 8.09 6.36 17.06
N VAL A 33 6.83 6.43 16.67
CA VAL A 33 6.42 7.39 15.64
C VAL A 33 5.15 8.12 16.09
N ALA A 34 4.94 9.25 15.45
CA ALA A 34 3.71 10.02 15.58
C ALA A 34 3.07 10.18 14.22
N LEU A 35 1.75 10.23 14.19
CA LEU A 35 0.99 10.40 12.95
C LEU A 35 0.25 11.71 13.06
N ASP A 36 0.52 12.63 12.15
CA ASP A 36 -0.14 13.92 12.25
C ASP A 36 -1.43 13.94 11.43
N GLU A 37 -2.15 15.06 11.58
CA GLU A 37 -3.46 15.16 10.95
C GLU A 37 -3.38 15.09 9.43
N SER A 38 -2.22 15.39 8.86
CA SER A 38 -2.05 15.25 7.43
C SER A 38 -1.73 13.81 6.99
N GLY A 39 -1.72 12.86 7.90
CA GLY A 39 -1.41 11.50 7.52
C GLY A 39 0.07 11.24 7.31
N ASP A 40 0.93 12.08 7.85
CA ASP A 40 2.37 11.89 7.76
C ASP A 40 2.89 11.34 9.07
N PHE A 41 3.59 10.21 8.98
CA PHE A 41 4.35 9.66 10.10
C PHE A 41 5.66 10.42 10.29
N SER A 42 6.05 10.60 11.55
CA SER A 42 7.33 11.18 11.92
C SER A 42 7.92 10.38 13.07
N LEU A 43 9.25 10.34 13.13
CA LEU A 43 9.96 9.71 14.25
C LEU A 43 9.90 10.57 15.50
N VAL A 44 9.51 9.96 16.61
CA VAL A 44 9.34 10.68 17.87
C VAL A 44 10.69 10.71 18.60
N GLU A 45 11.08 11.90 19.05
CA GLU A 45 12.33 12.12 19.78
C GLU A 45 12.96 10.87 20.38
N GLU B 18 -12.99 -3.99 -16.33
CA GLU B 18 -12.50 -5.15 -15.57
C GLU B 18 -12.61 -4.88 -14.08
N THR B 19 -13.02 -5.91 -13.35
CA THR B 19 -13.23 -5.79 -11.92
C THR B 19 -12.72 -7.04 -11.19
N THR B 20 -12.07 -7.96 -11.90
CA THR B 20 -11.55 -9.15 -11.28
C THR B 20 -10.73 -8.80 -10.04
N ASP B 21 -10.86 -9.62 -9.00
CA ASP B 21 -9.99 -9.48 -7.85
C ASP B 21 -8.54 -9.46 -8.29
N GLY B 22 -7.72 -8.72 -7.58
CA GLY B 22 -6.29 -8.72 -7.83
C GLY B 22 -5.66 -7.37 -7.57
N VAL B 23 -4.39 -7.30 -7.92
CA VAL B 23 -3.60 -6.10 -7.74
C VAL B 23 -3.49 -5.39 -9.08
N TYR B 24 -3.60 -4.06 -9.01
CA TYR B 24 -3.67 -3.18 -10.17
C TYR B 24 -2.69 -2.03 -10.04
N ARG B 25 -2.12 -1.64 -11.17
CA ARG B 25 -1.37 -0.39 -11.23
C ARG B 25 -2.34 0.77 -11.36
N VAL B 26 -1.98 1.90 -10.74
CA VAL B 26 -2.68 3.18 -10.93
C VAL B 26 -1.79 4.05 -11.80
N MET B 27 -2.29 4.38 -13.00
CA MET B 27 -1.53 5.06 -14.04
C MET B 27 -2.16 6.41 -14.32
N THR B 28 -1.37 7.32 -14.86
CA THR B 28 -1.90 8.57 -15.40
C THR B 28 -1.14 8.94 -16.67
N ARG B 29 -1.87 9.46 -17.66
CA ARG B 29 -1.26 9.95 -18.90
C ARG B 29 -1.12 11.47 -18.92
N ARG B 30 -1.38 12.15 -17.79
CA ARG B 30 -1.30 13.60 -17.77
C ARG B 30 0.15 14.08 -17.87
N LEU B 31 1.06 13.44 -17.14
CA LEU B 31 2.46 13.83 -17.19
C LEU B 31 3.13 13.20 -18.40
N LEU B 32 4.46 13.07 -18.40
CA LEU B 32 5.14 12.57 -19.57
C LEU B 32 4.96 11.06 -19.73
N GLY B 33 4.59 10.63 -20.95
CA GLY B 33 4.36 9.22 -21.18
C GLY B 33 3.17 8.73 -20.38
N SER B 34 3.18 7.44 -20.11
CA SER B 34 2.28 6.84 -19.12
C SER B 34 3.08 6.57 -17.86
N THR B 35 2.58 7.07 -16.72
CA THR B 35 3.32 7.07 -15.46
C THR B 35 2.52 6.32 -14.41
N GLN B 36 3.20 5.48 -13.64
CA GLN B 36 2.55 4.76 -12.57
C GLN B 36 2.65 5.59 -11.29
N VAL B 37 1.51 6.04 -10.79
CA VAL B 37 1.51 6.81 -9.55
C VAL B 37 1.28 5.93 -8.32
N GLY B 38 0.79 4.72 -8.51
CA GLY B 38 0.64 3.83 -7.38
C GLY B 38 0.03 2.52 -7.79
N VAL B 39 -0.58 1.88 -6.81
CA VAL B 39 -1.01 0.49 -6.88
C VAL B 39 -2.25 0.36 -6.00
N GLY B 40 -3.07 -0.64 -6.28
CA GLY B 40 -4.19 -0.93 -5.41
C GLY B 40 -4.73 -2.34 -5.57
N VAL B 41 -5.72 -2.63 -4.73
CA VAL B 41 -6.30 -3.96 -4.58
C VAL B 41 -7.78 -3.92 -4.92
N MET B 42 -8.21 -4.81 -5.80
CA MET B 42 -9.61 -5.03 -6.12
C MET B 42 -10.06 -6.26 -5.38
N GLN B 43 -11.08 -6.12 -4.56
CA GLN B 43 -11.61 -7.24 -3.81
C GLN B 43 -13.08 -6.96 -3.56
N GLU B 44 -13.90 -7.97 -3.81
CA GLU B 44 -15.33 -7.87 -3.57
C GLU B 44 -15.95 -6.65 -4.26
N GLY B 45 -15.44 -6.33 -5.46
CA GLY B 45 -15.98 -5.25 -6.24
C GLY B 45 -15.56 -3.86 -5.82
N VAL B 46 -14.62 -3.75 -4.89
CA VAL B 46 -14.17 -2.46 -4.38
C VAL B 46 -12.67 -2.32 -4.64
N PHE B 47 -12.25 -1.14 -5.04
CA PHE B 47 -10.85 -0.88 -5.28
C PHE B 47 -10.29 -0.07 -4.12
N HIS B 48 -9.18 -0.54 -3.57
CA HIS B 48 -8.56 -0.01 -2.38
C HIS B 48 -7.18 0.51 -2.72
N THR B 49 -6.89 1.77 -2.40
CA THR B 49 -5.53 2.28 -2.57
C THR B 49 -5.26 3.31 -1.47
N MET B 50 -4.08 3.95 -1.53
CA MET B 50 -3.77 4.98 -0.55
C MET B 50 -4.20 6.34 -1.05
N TRP B 51 -4.59 7.20 -0.12
CA TRP B 51 -5.14 8.51 -0.50
C TRP B 51 -4.13 9.30 -1.32
N HIS B 52 -2.86 9.28 -0.92
CA HIS B 52 -1.88 10.12 -1.61
C HIS B 52 -1.61 9.65 -3.04
N VAL B 53 -2.09 8.48 -3.43
CA VAL B 53 -1.95 8.03 -4.81
C VAL B 53 -2.93 8.77 -5.72
N THR B 54 -4.21 8.81 -5.33
CA THR B 54 -5.24 9.40 -6.18
C THR B 54 -5.73 10.76 -5.72
N LYS B 55 -5.36 11.17 -4.51
CA LYS B 55 -5.95 12.35 -3.89
C LYS B 55 -7.48 12.34 -3.98
N GLY B 56 -8.08 11.16 -4.05
CA GLY B 56 -9.52 11.02 -4.04
C GLY B 56 -10.20 11.20 -5.38
N ALA B 57 -9.46 11.20 -6.48
CA ALA B 57 -10.03 11.42 -7.80
C ALA B 57 -10.73 10.18 -8.30
N ALA B 58 -11.68 10.38 -9.20
CA ALA B 58 -12.25 9.26 -9.93
C ALA B 58 -11.19 8.58 -10.76
N LEU B 59 -11.47 7.32 -11.11
CA LEU B 59 -10.54 6.47 -11.82
C LEU B 59 -11.24 5.80 -12.99
N ARG B 60 -10.50 5.59 -14.06
CA ARG B 60 -10.98 4.88 -15.23
C ARG B 60 -10.51 3.43 -15.17
N SER B 61 -11.40 2.50 -15.52
CA SER B 61 -11.06 1.08 -15.62
C SER B 61 -11.57 0.60 -16.97
N GLY B 62 -10.74 0.75 -17.99
CA GLY B 62 -11.16 0.46 -19.34
C GLY B 62 -12.05 1.58 -19.85
N GLU B 63 -13.26 1.23 -20.26
CA GLU B 63 -14.27 2.22 -20.63
C GLU B 63 -15.23 2.51 -19.49
N GLY B 64 -15.02 1.90 -18.31
CA GLY B 64 -15.82 2.18 -17.15
C GLY B 64 -15.15 3.19 -16.23
N ARG B 65 -15.94 3.65 -15.25
CA ARG B 65 -15.49 4.63 -14.28
C ARG B 65 -15.68 4.09 -12.87
N LEU B 66 -14.75 4.45 -11.99
CA LEU B 66 -14.82 4.06 -10.58
C LEU B 66 -14.87 5.34 -9.77
N ASP B 67 -15.91 5.50 -9.04
CA ASP B 67 -15.98 6.70 -8.25
C ASP B 67 -15.59 6.42 -6.80
N PRO B 68 -14.95 7.39 -6.16
CA PRO B 68 -14.62 7.24 -4.74
C PRO B 68 -15.87 7.02 -3.92
N TYR B 69 -15.71 6.25 -2.86
CA TYR B 69 -16.80 5.95 -1.95
C TYR B 69 -16.46 6.34 -0.53
N TRP B 70 -15.23 6.10 -0.10
CA TRP B 70 -14.81 6.44 1.25
C TRP B 70 -13.36 6.81 1.21
N GLY B 71 -12.95 7.73 2.07
CA GLY B 71 -11.53 7.97 2.23
C GLY B 71 -11.24 8.79 3.46
N ASP B 72 -9.97 8.82 3.83
CA ASP B 72 -9.52 9.55 5.02
C ASP B 72 -8.05 9.88 4.90
N VAL B 73 -7.74 11.18 4.85
CA VAL B 73 -6.36 11.61 4.64
C VAL B 73 -5.46 11.11 5.75
N LYS B 74 -5.96 11.11 6.99
CA LYS B 74 -5.09 10.74 8.11
C LYS B 74 -4.73 9.26 8.06
N GLN B 75 -5.70 8.40 7.73
CA GLN B 75 -5.33 7.00 7.51
C GLN B 75 -4.57 6.79 6.21
N ASP B 76 -4.64 7.76 5.30
CA ASP B 76 -4.05 7.72 3.96
C ASP B 76 -4.59 6.56 3.13
N LEU B 77 -5.92 6.43 3.14
CA LEU B 77 -6.61 5.35 2.44
C LEU B 77 -7.84 5.86 1.72
N VAL B 78 -8.24 5.13 0.67
CA VAL B 78 -9.43 5.47 -0.08
C VAL B 78 -9.96 4.18 -0.72
N SER B 79 -11.28 4.10 -0.86
CA SER B 79 -11.94 2.99 -1.53
C SER B 79 -12.89 3.52 -2.59
N TYR B 80 -13.07 2.72 -3.63
CA TYR B 80 -13.88 3.06 -4.80
C TYR B 80 -14.93 1.98 -4.99
N CYS B 81 -16.16 2.41 -5.33
CA CYS B 81 -17.30 1.59 -5.68
C CYS B 81 -17.97 0.99 -4.47
N GLY B 82 -17.42 1.15 -3.28
CA GLY B 82 -18.00 0.56 -2.10
C GLY B 82 -17.11 0.79 -0.90
N PRO B 83 -17.59 0.34 0.26
CA PRO B 83 -16.81 0.53 1.50
C PRO B 83 -15.58 -0.36 1.53
N TRP B 84 -14.65 0.03 2.38
CA TRP B 84 -13.40 -0.70 2.58
C TRP B 84 -13.71 -2.13 3.01
N LYS B 85 -13.11 -3.10 2.30
CA LYS B 85 -13.44 -4.51 2.47
C LYS B 85 -12.35 -5.33 3.13
N LEU B 86 -11.15 -4.78 3.27
CA LEU B 86 -9.99 -5.54 3.70
C LEU B 86 -9.90 -5.42 5.22
N ASP B 87 -10.00 -6.53 5.92
CA ASP B 87 -9.97 -6.47 7.38
C ASP B 87 -8.99 -7.45 8.01
N ALA B 88 -8.17 -8.14 7.23
CA ALA B 88 -7.16 -8.96 7.89
C ALA B 88 -6.12 -8.07 8.52
N ALA B 89 -5.46 -8.61 9.55
CA ALA B 89 -4.46 -7.91 10.34
C ALA B 89 -3.25 -8.79 10.58
N TRP B 90 -2.07 -8.18 10.60
CA TRP B 90 -0.86 -8.89 10.97
C TRP B 90 -1.01 -9.54 12.35
N ASP B 91 -0.54 -10.78 12.50
CA ASP B 91 -0.69 -11.51 13.76
C ASP B 91 0.34 -11.11 14.81
N GLY B 92 1.29 -10.25 14.46
CA GLY B 92 2.29 -9.79 15.40
C GLY B 92 3.48 -10.71 15.52
N LEU B 93 3.48 -11.83 14.83
CA LEU B 93 4.51 -12.85 14.99
C LEU B 93 5.12 -13.32 13.69
N SER B 94 4.32 -13.50 12.64
CA SER B 94 4.74 -14.24 11.47
C SER B 94 5.27 -13.33 10.37
N GLU B 95 6.06 -13.93 9.48
CA GLU B 95 6.54 -13.20 8.33
C GLU B 95 5.35 -12.92 7.40
N VAL B 96 5.49 -11.87 6.60
CA VAL B 96 4.47 -11.47 5.64
C VAL B 96 5.12 -11.36 4.27
N GLN B 97 4.32 -11.03 3.25
CA GLN B 97 4.85 -10.78 1.93
C GLN B 97 4.29 -9.48 1.39
N LEU B 98 5.19 -8.58 1.03
CA LEU B 98 4.87 -7.43 0.19
C LEU B 98 4.78 -7.92 -1.24
N LEU B 99 3.62 -7.71 -1.85
CA LEU B 99 3.44 -7.98 -3.28
C LEU B 99 3.71 -6.66 -3.98
N ALA B 100 5.01 -6.39 -4.15
CA ALA B 100 5.43 -5.13 -4.71
C ALA B 100 5.12 -5.10 -6.20
N VAL B 101 4.52 -4.00 -6.66
CA VAL B 101 4.30 -3.77 -8.08
C VAL B 101 5.00 -2.49 -8.50
N PRO B 102 6.29 -2.52 -8.84
CA PRO B 102 7.05 -1.30 -9.12
C PRO B 102 6.75 -0.74 -10.50
N PRO B 103 6.89 0.57 -10.71
CA PRO B 103 6.64 1.12 -12.04
C PRO B 103 7.43 0.34 -13.10
N GLY B 104 6.72 -0.10 -14.13
CA GLY B 104 7.36 -0.73 -15.26
C GLY B 104 7.95 -2.08 -15.02
N GLU B 105 7.72 -2.69 -13.85
CA GLU B 105 8.32 -3.97 -13.51
C GLU B 105 7.25 -4.95 -13.07
N ARG B 106 7.52 -6.24 -13.29
CA ARG B 106 6.56 -7.27 -12.97
C ARG B 106 6.34 -7.32 -11.45
N ALA B 107 5.16 -7.76 -11.04
CA ALA B 107 4.88 -7.92 -9.62
C ALA B 107 5.80 -8.97 -9.00
N LYS B 108 6.35 -8.67 -7.82
CA LYS B 108 7.25 -9.58 -7.12
C LYS B 108 6.89 -9.68 -5.65
N ASN B 109 6.85 -10.90 -5.11
CA ASN B 109 6.61 -11.11 -3.68
C ASN B 109 7.91 -11.02 -2.90
N ILE B 110 7.90 -10.23 -1.83
CA ILE B 110 9.03 -10.08 -0.94
C ILE B 110 8.58 -10.47 0.45
N GLN B 111 9.23 -11.47 1.02
CA GLN B 111 8.87 -11.94 2.35
C GLN B 111 9.75 -11.28 3.40
N THR B 112 9.16 -10.93 4.54
CA THR B 112 9.88 -10.16 5.53
C THR B 112 9.19 -10.35 6.87
N LEU B 113 9.93 -10.09 7.95
CA LEU B 113 9.31 -10.03 9.26
C LEU B 113 9.06 -8.57 9.59
N PRO B 114 7.81 -8.12 9.72
CA PRO B 114 7.58 -6.71 10.03
C PRO B 114 8.23 -6.32 11.34
N GLY B 115 8.71 -5.09 11.39
CA GLY B 115 8.91 -4.40 12.63
C GLY B 115 7.59 -3.78 13.09
N ILE B 116 7.71 -2.76 13.94
CA ILE B 116 6.55 -2.18 14.61
C ILE B 116 6.70 -0.67 14.67
N PHE B 117 5.67 0.06 14.26
CA PHE B 117 5.51 1.46 14.61
C PHE B 117 4.78 1.55 15.94
N LYS B 118 5.43 2.11 16.96
CA LYS B 118 4.79 2.32 18.26
C LYS B 118 4.26 3.75 18.32
N THR B 119 2.96 3.91 18.47
CA THR B 119 2.39 5.25 18.54
C THR B 119 1.65 5.41 19.86
N LYS B 120 1.18 6.64 20.07
CA LYS B 120 0.40 6.96 21.27
C LYS B 120 -0.91 6.17 21.29
N ASP B 121 -1.39 5.76 20.12
CA ASP B 121 -2.67 5.11 19.98
C ASP B 121 -2.53 3.63 19.67
N GLY B 122 -1.40 3.03 20.00
CA GLY B 122 -1.18 1.62 19.77
C GLY B 122 -0.07 1.39 18.76
N ASP B 123 0.16 0.11 18.50
CA ASP B 123 1.25 -0.36 17.66
C ASP B 123 0.70 -0.83 16.32
N ILE B 124 1.43 -0.54 15.23
CA ILE B 124 1.09 -1.05 13.90
C ILE B 124 2.32 -1.73 13.30
N GLY B 125 2.09 -2.76 12.50
CA GLY B 125 3.18 -3.40 11.80
C GLY B 125 3.82 -2.45 10.80
N ALA B 126 5.08 -2.70 10.48
CA ALA B 126 5.81 -1.90 9.52
C ALA B 126 6.76 -2.82 8.76
N VAL B 127 6.99 -2.50 7.50
CA VAL B 127 7.88 -3.30 6.68
C VAL B 127 9.02 -2.42 6.20
N ALA B 128 10.26 -2.90 6.42
CA ALA B 128 11.43 -2.12 6.08
C ALA B 128 11.91 -2.54 4.69
N LEU B 129 11.13 -2.14 3.67
CA LEU B 129 11.47 -2.39 2.27
C LEU B 129 11.30 -1.10 1.48
N ASP B 130 12.20 -0.85 0.54
CA ASP B 130 12.26 0.43 -0.14
C ASP B 130 11.98 0.21 -1.62
N TYR B 131 10.99 0.92 -2.13
CA TYR B 131 10.64 0.85 -3.54
C TYR B 131 10.36 2.25 -4.04
N PRO B 132 10.24 2.41 -5.37
CA PRO B 132 9.87 3.72 -5.91
C PRO B 132 8.51 4.18 -5.41
N ALA B 133 8.34 5.50 -5.41
CA ALA B 133 7.11 6.11 -4.90
C ALA B 133 5.88 5.51 -5.54
N GLY B 134 5.94 5.22 -6.84
CA GLY B 134 4.81 4.69 -7.59
C GLY B 134 4.42 3.29 -7.20
N THR B 135 5.15 2.71 -6.25
CA THR B 135 4.80 1.43 -5.68
C THR B 135 3.78 1.57 -4.56
N SER B 136 3.48 2.79 -4.13
CA SER B 136 2.48 3.05 -3.10
C SER B 136 1.18 2.31 -3.39
N GLY B 137 0.65 1.66 -2.37
CA GLY B 137 -0.59 0.92 -2.49
C GLY B 137 -0.42 -0.55 -2.70
N SER B 138 0.82 -1.01 -2.89
CA SER B 138 1.04 -2.43 -3.08
C SER B 138 0.57 -3.17 -1.83
N PRO B 139 -0.08 -4.32 -1.98
CA PRO B 139 -0.60 -5.02 -0.82
C PRO B 139 0.45 -5.83 -0.09
N ILE B 140 0.23 -5.92 1.21
CA ILE B 140 1.01 -6.76 2.11
C ILE B 140 0.12 -7.89 2.55
N LEU B 141 0.65 -9.11 2.56
CA LEU B 141 -0.17 -10.30 2.65
C LEU B 141 0.29 -11.20 3.78
N ASP B 142 -0.65 -11.96 4.33
CA ASP B 142 -0.30 -13.00 5.29
C ASP B 142 -0.23 -14.35 4.58
N LYS B 143 0.22 -15.38 5.33
CA LYS B 143 0.48 -16.65 4.69
C LYS B 143 -0.79 -17.29 4.14
N CYS B 144 -1.96 -16.74 4.45
CA CYS B 144 -3.21 -17.23 3.88
C CYS B 144 -3.59 -16.50 2.61
N GLY B 145 -2.75 -15.57 2.14
CA GLY B 145 -3.08 -14.75 0.98
C GLY B 145 -3.97 -13.53 1.26
N ARG B 146 -4.30 -13.26 2.52
CA ARG B 146 -5.17 -12.14 2.88
C ARG B 146 -4.39 -10.85 2.92
N VAL B 147 -5.03 -9.78 2.45
CA VAL B 147 -4.39 -8.47 2.45
C VAL B 147 -4.52 -7.88 3.85
N ILE B 148 -3.38 -7.69 4.52
CA ILE B 148 -3.36 -7.16 5.87
C ILE B 148 -3.08 -5.68 5.90
N GLY B 149 -2.82 -5.07 4.75
CA GLY B 149 -2.65 -3.64 4.64
C GLY B 149 -1.93 -3.29 3.36
N LEU B 150 -1.69 -1.99 3.20
CA LEU B 150 -1.10 -1.46 1.99
C LEU B 150 0.21 -0.76 2.30
N TYR B 151 1.11 -0.82 1.33
CA TYR B 151 2.47 -0.31 1.48
C TYR B 151 2.58 1.12 0.98
N GLY B 152 3.33 1.95 1.71
CA GLY B 152 3.69 3.24 1.16
C GLY B 152 3.47 4.49 1.99
N ASN B 153 2.93 4.39 3.21
CA ASN B 153 2.94 5.54 4.11
C ASN B 153 3.93 5.22 5.22
N GLY B 154 5.02 5.97 5.29
CA GLY B 154 6.08 5.60 6.19
C GLY B 154 6.97 6.74 6.63
N VAL B 155 8.18 6.36 7.06
CA VAL B 155 9.16 7.28 7.61
C VAL B 155 10.53 6.88 7.08
N VAL B 156 11.50 7.77 7.28
CA VAL B 156 12.90 7.52 6.95
C VAL B 156 13.71 7.62 8.24
N ILE B 157 14.56 6.62 8.48
CA ILE B 157 15.22 6.46 9.76
C ILE B 157 16.62 7.10 9.72
N LYS B 158 17.29 7.15 10.89
CA LYS B 158 18.63 7.71 10.96
C LYS B 158 19.56 7.15 9.89
N ASN B 159 19.29 5.93 9.41
CA ASN B 159 20.07 5.35 8.32
C ASN B 159 19.91 6.14 7.02
N GLY B 160 18.76 6.77 6.82
CA GLY B 160 18.33 7.20 5.51
C GLY B 160 17.44 6.22 4.78
N SER B 161 17.18 5.05 5.36
CA SER B 161 16.35 4.02 4.73
C SER B 161 14.86 4.21 5.08
N TYR B 162 14.03 3.52 4.33
CA TYR B 162 12.58 3.65 4.37
C TYR B 162 11.92 2.51 5.14
N VAL B 163 10.95 2.86 5.97
CA VAL B 163 10.09 1.90 6.66
C VAL B 163 8.63 2.36 6.46
N SER B 164 7.80 1.46 5.93
CA SER B 164 6.40 1.71 5.65
C SER B 164 5.55 1.09 6.74
N ALA B 165 4.55 1.83 7.21
CA ALA B 165 3.51 1.19 7.98
C ALA B 165 2.86 0.12 7.13
N ILE B 166 2.28 -0.87 7.80
CA ILE B 166 1.28 -1.76 7.21
C ILE B 166 -0.05 -1.05 7.48
N THR B 167 -0.59 -0.36 6.48
CA THR B 167 -1.76 0.49 6.69
C THR B 167 -3.01 -0.30 6.32
N GLN B 168 -3.89 -0.51 7.30
CA GLN B 168 -5.11 -1.28 7.09
C GLN B 168 -6.29 -0.42 7.51
N GLY B 169 -7.41 -0.57 6.81
CA GLY B 169 -8.63 0.15 7.14
C GLY B 169 -9.50 -0.61 8.12
N LYS B 170 -10.71 -0.08 8.33
CA LYS B 170 -11.73 -0.75 9.12
C LYS B 170 -12.85 -1.23 8.19
N ARG B 171 -13.30 -2.47 8.39
CA ARG B 171 -14.43 -3.02 7.65
C ARG B 171 -15.69 -2.99 8.52
N1 V7T C 1 14.39 5.89 0.74
N2 V7T C 1 12.91 7.77 0.89
CA V7T C 1 10.90 6.25 -0.33
CD V7T C 1 7.56 4.44 -1.16
CE V7T C 1 6.16 4.96 -1.42
NZ V7T C 1 5.75 5.98 -0.46
CG V7T C 1 8.54 5.59 -0.95
CB V7T C 1 9.96 5.12 -0.72
C2 V7T C 1 13.21 6.46 0.54
N V7T C 1 12.24 5.73 -0.05
C V7T C 1 10.94 7.29 -1.44
O V7T C 1 10.30 8.33 -1.34
N GLY C 2 11.71 7.00 -2.49
CA GLY C 2 11.89 7.96 -3.57
C GLY C 2 12.53 9.24 -3.07
N BAL C 3 13.33 9.11 -2.02
CB BAL C 3 14.15 10.20 -1.50
CA BAL C 3 13.33 11.43 -1.16
C BAL C 3 12.42 11.22 0.02
O BAL C 3 12.84 11.28 1.18
N GLY C 4 11.14 11.02 -0.27
CA GLY C 4 10.10 11.21 0.72
C GLY C 4 9.65 10.01 1.52
N LYS C 5 8.43 10.10 2.06
CA LYS C 5 7.85 9.15 2.99
C LYS C 5 6.75 8.37 2.29
N LYS C 6 6.44 8.75 1.05
CA LYS C 6 5.28 8.22 0.36
C LYS C 6 5.67 7.27 -0.77
#